data_7IJ2
#
_entry.id   7IJ2
#
_cell.length_a   88.756
_cell.length_b   88.756
_cell.length_c   39.665
_cell.angle_alpha   90.000
_cell.angle_beta   90.000
_cell.angle_gamma   90.000
#
_symmetry.space_group_name_H-M   'P 43'
#
loop_
_entity.id
_entity.type
_entity.pdbx_description
1 polymer 'Non-structural protein 3'
2 non-polymer 'DIMETHYL SULFOXIDE'
3 non-polymer '(2R,3S)-2-methyl-3-phenyl-3-[(7H-pyrrolo[2,3-d]pyrimidine-4-carbonyl)amino]propanoic acid'
4 non-polymer '(2S,3R)-2-methyl-3-phenyl-3-[(7H-pyrrolo[2,3-d]pyrimidine-4-carbonyl)amino]propanoic acid'
5 water water
#
_entity_poly.entity_id   1
_entity_poly.type   'polypeptide(L)'
_entity_poly.pdbx_seq_one_letter_code
;SMVNSFSGYLKLTDNVYIKNADIVEEAKKVKPTVVVNAANVYLKHGGGVAGALNKATNNAMQVESDDYIATNGPLKVGGS
CVLSGHNLAKHCLHVVGPNVNKGEDIQLLKSAYENFNQHEVLLAPLLSAGIFGADPIHSLRVCVDTVRTNVYLAVFDKNL
YDKLVSSFL
;
_entity_poly.pdbx_strand_id   A,B
#
loop_
_chem_comp.id
_chem_comp.type
_chem_comp.name
_chem_comp.formula
A1CJX non-polymer '(2R,3S)-2-methyl-3-phenyl-3-[(7H-pyrrolo[2,3-d]pyrimidine-4-carbonyl)amino]propanoic acid' 'C17 H16 N4 O3'
A1CJY non-polymer '(2S,3R)-2-methyl-3-phenyl-3-[(7H-pyrrolo[2,3-d]pyrimidine-4-carbonyl)amino]propanoic acid' 'C17 H16 N4 O3'
DMS non-polymer 'DIMETHYL SULFOXIDE' 'C2 H6 O S'
#
# COMPACT_ATOMS: atom_id res chain seq x y z
N VAL A 3 -19.74 -13.69 -4.28
N VAL A 3 -19.95 -13.24 -4.00
CA VAL A 3 -20.84 -12.83 -3.89
CA VAL A 3 -21.09 -12.39 -3.66
C VAL A 3 -20.57 -12.24 -2.51
C VAL A 3 -20.86 -11.75 -2.29
N ASN A 4 -20.73 -10.92 -2.40
N ASN A 4 -21.27 -10.49 -2.15
CA ASN A 4 -20.58 -10.21 -1.14
CA ASN A 4 -21.10 -9.77 -0.89
C ASN A 4 -21.82 -9.38 -0.86
C ASN A 4 -22.34 -8.92 -0.64
N SER A 5 -21.80 -8.66 0.27
N SER A 5 -22.28 -8.06 0.39
CA SER A 5 -22.98 -7.99 0.79
CA SER A 5 -23.42 -7.38 0.95
C SER A 5 -23.11 -6.54 0.33
C SER A 5 -23.50 -5.90 0.54
N PHE A 6 -22.12 -6.00 -0.38
N PHE A 6 -22.55 -5.40 -0.24
CA PHE A 6 -22.22 -4.62 -0.85
CA PHE A 6 -22.58 -4.01 -0.66
C PHE A 6 -23.37 -4.48 -1.83
C PHE A 6 -23.72 -3.80 -1.66
N SER A 7 -24.17 -3.43 -1.65
N SER A 7 -24.50 -2.72 -1.46
CA SER A 7 -25.38 -3.22 -2.43
CA SER A 7 -25.74 -2.52 -2.21
C SER A 7 -25.40 -1.79 -2.99
C SER A 7 -25.74 -1.16 -2.88
N GLY A 8 -25.93 -1.66 -4.20
N GLY A 8 -26.22 -1.13 -4.12
CA GLY A 8 -26.15 -0.37 -4.81
CA GLY A 8 -26.40 0.14 -4.81
C GLY A 8 -24.93 0.31 -5.41
C GLY A 8 -25.11 0.79 -5.28
N TYR A 9 -23.85 -0.43 -5.64
N TYR A 9 -24.03 0.03 -5.38
CA TYR A 9 -22.63 0.17 -6.18
CA TYR A 9 -22.79 0.55 -5.91
C TYR A 9 -22.65 0.19 -7.70
C TYR A 9 -22.78 0.49 -7.43
N LEU A 10 -22.14 1.27 -8.27
N LEU A 10 -22.27 1.55 -8.03
CA LEU A 10 -21.89 1.33 -9.70
CA LEU A 10 -22.09 1.63 -9.47
C LEU A 10 -20.55 0.67 -9.97
C LEU A 10 -20.76 0.98 -9.85
N LYS A 11 -20.50 -0.19 -10.99
N LYS A 11 -20.82 0.06 -10.81
CA LYS A 11 -19.30 -0.90 -11.36
CA LYS A 11 -19.61 -0.62 -11.26
C LYS A 11 -18.49 -0.03 -12.33
C LYS A 11 -18.82 0.31 -12.17
N LEU A 12 -17.26 0.31 -11.95
N LEU A 12 -17.59 0.64 -11.78
CA LEU A 12 -16.40 1.12 -12.80
CA LEU A 12 -16.72 1.43 -12.65
C LEU A 12 -15.44 0.29 -13.64
C LEU A 12 -15.81 0.57 -13.51
N THR A 13 -14.83 -0.74 -13.05
N THR A 13 -15.21 -0.47 -12.92
CA THR A 13 -13.96 -1.67 -13.77
CA THR A 13 -14.30 -1.37 -13.61
C THR A 13 -14.21 -3.06 -13.23
C THR A 13 -14.56 -2.80 -13.12
N ASP A 14 -13.35 -4.01 -13.62
N ASP A 14 -13.69 -3.72 -13.56
CA ASP A 14 -13.49 -5.38 -13.16
CA ASP A 14 -13.78 -5.10 -13.09
C ASP A 14 -13.44 -5.47 -11.64
C ASP A 14 -13.83 -5.18 -11.57
N ASN A 15 -12.77 -4.53 -10.96
N ASN A 15 -13.05 -4.33 -10.88
CA ASN A 15 -12.55 -4.63 -9.53
CA ASN A 15 -12.85 -4.48 -9.45
C ASN A 15 -12.84 -3.36 -8.74
C ASN A 15 -13.18 -3.25 -8.61
N VAL A 16 -13.23 -2.27 -9.39
N VAL A 16 -13.56 -2.12 -9.22
CA VAL A 16 -13.50 -1.01 -8.70
CA VAL A 16 -13.84 -0.89 -8.48
C VAL A 16 -14.99 -0.68 -8.79
C VAL A 16 -15.30 -0.50 -8.66
N TYR A 17 -15.57 -0.31 -7.64
N TYR A 17 -15.97 -0.26 -7.53
CA TYR A 17 -16.97 0.05 -7.51
CA TYR A 17 -17.37 0.10 -7.44
C TYR A 17 -17.06 1.39 -6.77
C TYR A 17 -17.47 1.39 -6.61
N ILE A 18 -18.18 2.08 -6.94
N ILE A 18 -18.51 2.20 -6.85
CA ILE A 18 -18.36 3.40 -6.33
CA ILE A 18 -18.60 3.54 -6.24
C ILE A 18 -19.82 3.64 -6.00
C ILE A 18 -20.04 3.87 -5.85
N LYS A 19 -20.06 4.37 -4.92
N LYS A 19 -20.18 4.58 -4.72
CA LYS A 19 -21.40 4.61 -4.42
CA LYS A 19 -21.50 4.95 -4.22
C LYS A 19 -21.41 5.90 -3.61
C LYS A 19 -21.41 6.30 -3.53
N ASN A 20 -22.48 6.68 -3.77
N ASN A 20 -22.47 7.10 -3.65
CA ASN A 20 -22.69 7.89 -2.96
CA ASN A 20 -22.59 8.34 -2.87
C ASN A 20 -23.21 7.45 -1.60
C ASN A 20 -23.18 7.95 -1.52
N ALA A 21 -22.34 7.42 -0.60
N ALA A 21 -22.34 7.86 -0.49
CA ALA A 21 -22.71 6.86 0.69
CA ALA A 21 -22.76 7.35 0.80
C ALA A 21 -21.80 7.41 1.79
C ALA A 21 -21.77 7.77 1.86
N ASP A 22 -22.37 7.53 2.98
N ASP A 22 -22.26 7.81 3.10
CA ASP A 22 -21.60 7.82 4.18
CA ASP A 22 -21.44 8.00 4.29
C ASP A 22 -20.84 6.56 4.58
C ASP A 22 -20.78 6.67 4.64
N ILE A 23 -19.50 6.64 4.55
N ILE A 23 -19.44 6.64 4.62
CA ILE A 23 -18.70 5.44 4.83
CA ILE A 23 -18.70 5.40 4.88
C ILE A 23 -18.97 4.93 6.24
C ILE A 23 -19.04 4.81 6.25
N VAL A 24 -19.36 5.81 7.17
N VAL A 24 -19.37 5.66 7.23
CA VAL A 24 -19.72 5.36 8.51
CA VAL A 24 -19.75 5.16 8.56
C VAL A 24 -20.99 4.52 8.48
C VAL A 24 -21.03 4.33 8.47
N GLU A 25 -22.02 4.98 7.77
N GLU A 25 -22.03 4.85 7.75
CA GLU A 25 -23.26 4.21 7.68
CA GLU A 25 -23.28 4.12 7.62
C GLU A 25 -23.08 2.95 6.85
C GLU A 25 -23.11 2.86 6.81
N GLU A 26 -22.25 3.01 5.81
N GLU A 26 -22.29 2.93 5.74
CA GLU A 26 -22.00 1.83 4.99
CA GLU A 26 -21.99 1.71 4.99
C GLU A 26 -21.25 0.75 5.79
C GLU A 26 -21.34 0.66 5.88
N ALA A 27 -20.32 1.16 6.64
N ALA A 27 -20.35 1.08 6.69
CA ALA A 27 -19.57 0.18 7.42
CA ALA A 27 -19.68 0.14 7.57
C ALA A 27 -20.44 -0.46 8.50
C ALA A 27 -20.67 -0.46 8.57
N LYS A 28 -21.30 0.31 9.15
N LYS A 28 -21.52 0.37 9.16
CA LYS A 28 -22.18 -0.27 10.16
CA LYS A 28 -22.47 -0.15 10.14
C LYS A 28 -23.16 -1.26 9.55
C LYS A 28 -23.43 -1.16 9.52
N LYS A 29 -23.56 -1.05 8.30
N LYS A 29 -23.71 -1.03 8.22
CA LYS A 29 -24.53 -1.94 7.66
CA LYS A 29 -24.64 -1.93 7.54
C LYS A 29 -23.87 -3.21 7.11
C LYS A 29 -23.97 -3.21 7.08
N VAL A 30 -22.73 -3.05 6.45
N VAL A 30 -22.79 -3.10 6.45
CA VAL A 30 -22.08 -4.20 5.81
CA VAL A 30 -22.14 -4.25 5.84
C VAL A 30 -21.21 -4.98 6.78
C VAL A 30 -21.22 -5.00 6.81
N LYS A 31 -20.61 -4.30 7.76
CA LYS A 31 -19.59 -4.89 8.63
C LYS A 31 -18.50 -5.54 7.78
N PRO A 32 -17.85 -4.78 6.91
CA PRO A 32 -16.85 -5.38 6.02
C PRO A 32 -15.67 -5.90 6.81
N THR A 33 -14.92 -6.79 6.15
CA THR A 33 -13.67 -7.26 6.73
C THR A 33 -12.71 -6.09 6.96
N VAL A 34 -12.66 -5.15 6.02
CA VAL A 34 -11.73 -4.03 6.08
C VAL A 34 -12.46 -2.74 5.69
N VAL A 35 -12.43 -1.75 6.60
CA VAL A 35 -12.74 -0.37 6.26
C VAL A 35 -11.43 0.40 6.25
N VAL A 36 -11.26 1.24 5.23
CA VAL A 36 -10.08 2.10 5.11
C VAL A 36 -10.35 3.44 5.76
N ASN A 37 -9.41 3.88 6.60
CA ASN A 37 -9.40 5.24 7.12
C ASN A 37 -8.42 6.09 6.33
N ALA A 38 -8.85 7.32 6.02
N ALA A 38 -8.83 7.32 6.03
CA ALA A 38 -8.00 8.35 5.45
CA ALA A 38 -7.94 8.33 5.46
C ALA A 38 -7.22 8.99 6.59
C ALA A 38 -7.20 9.02 6.61
N ALA A 39 -6.14 8.32 6.97
N ALA A 39 -6.13 8.36 7.05
CA ALA A 39 -5.38 8.68 8.15
CA ALA A 39 -5.38 8.75 8.23
C ALA A 39 -4.27 9.68 7.85
C ALA A 39 -4.32 9.79 7.92
N ASN A 40 -3.75 10.29 8.91
N ASN A 40 -3.77 10.38 8.98
CA ASN A 40 -2.48 11.01 8.87
CA ASN A 40 -2.50 11.08 8.94
C ASN A 40 -1.43 10.23 9.64
C ASN A 40 -1.44 10.25 9.67
N VAL A 41 -0.17 10.67 9.53
CA VAL A 41 0.94 9.87 10.05
C VAL A 41 0.90 9.69 11.56
N TYR A 42 0.22 10.60 12.27
CA TYR A 42 0.13 10.55 13.72
C TYR A 42 -1.09 9.81 14.21
N LEU A 43 -1.92 9.33 13.28
CA LEU A 43 -3.20 8.71 13.62
C LEU A 43 -4.02 9.60 14.55
N LYS A 44 -4.00 10.91 14.27
N LYS A 44 -4.00 10.91 14.28
CA LYS A 44 -4.87 11.87 14.94
CA LYS A 44 -4.83 11.85 15.02
C LYS A 44 -6.13 12.02 14.10
C LYS A 44 -6.12 12.04 14.23
N HIS A 45 -7.23 11.42 14.56
N HIS A 45 -7.20 11.43 14.71
CA HIS A 45 -8.45 11.32 13.76
CA HIS A 45 -8.42 11.31 13.94
C HIS A 45 -9.37 12.49 14.10
C HIS A 45 -9.38 12.46 14.25
N GLY A 46 -9.04 13.66 13.57
N GLY A 46 -9.06 13.64 13.72
CA GLY A 46 -9.72 14.88 13.94
CA GLY A 46 -9.76 14.85 14.10
C GLY A 46 -10.88 15.29 13.06
C GLY A 46 -10.98 15.20 13.27
N GLY A 47 -10.76 15.06 11.76
N GLY A 47 -10.88 15.02 11.96
CA GLY A 47 -11.77 15.51 10.83
CA GLY A 47 -11.93 15.45 11.06
C GLY A 47 -11.76 14.66 9.57
C GLY A 47 -11.99 14.55 9.84
N GLY A 48 -12.60 15.05 8.62
N GLY A 48 -12.88 14.89 8.92
CA GLY A 48 -12.74 14.25 7.42
CA GLY A 48 -12.99 14.08 7.72
C GLY A 48 -13.27 12.87 7.74
C GLY A 48 -13.41 12.65 8.03
N VAL A 49 -12.85 11.89 6.96
N VAL A 49 -13.00 11.74 7.14
CA VAL A 49 -13.29 10.51 7.18
CA VAL A 49 -13.25 10.31 7.34
C VAL A 49 -12.76 10.00 8.51
C VAL A 49 -12.79 9.89 8.73
N ALA A 50 -11.54 10.39 8.87
N ALA A 50 -11.57 10.28 9.09
CA ALA A 50 -10.94 9.92 10.12
CA ALA A 50 -10.96 9.78 10.33
C ALA A 50 -11.77 10.36 11.32
C ALA A 50 -11.77 10.23 11.53
N GLY A 51 -12.13 11.64 11.37
N GLY A 51 -12.09 11.51 11.59
CA GLY A 51 -12.92 12.13 12.49
CA GLY A 51 -12.88 12.01 12.71
C GLY A 51 -14.26 11.44 12.59
C GLY A 51 -14.23 11.33 12.77
N ALA A 52 -14.88 11.14 11.43
N ALA A 52 -14.84 11.10 11.61
CA ALA A 52 -16.19 10.52 11.45
CA ALA A 52 -16.17 10.49 11.56
C ALA A 52 -16.11 9.07 11.90
C ALA A 52 -16.13 9.02 11.99
N LEU A 53 -15.13 8.32 11.42
N LEU A 53 -15.19 8.24 11.45
CA LEU A 53 -15.00 6.91 11.80
CA LEU A 53 -15.02 6.87 11.91
C LEU A 53 -14.68 6.78 13.29
C LEU A 53 -14.75 6.83 13.41
N ASN A 54 -13.84 7.68 13.82
N ASN A 54 -13.79 7.64 13.87
CA ASN A 54 -13.47 7.59 15.22
CA ASN A 54 -13.45 7.60 15.27
C ASN A 54 -14.65 7.92 16.13
C ASN A 54 -14.64 7.93 16.15
N LYS A 55 -15.40 8.96 15.79
CA LYS A 55 -16.59 9.32 16.57
C LYS A 55 -17.54 8.14 16.65
N ALA A 56 -17.73 7.43 15.53
CA ALA A 56 -18.63 6.29 15.50
C ALA A 56 -18.16 5.14 16.39
N THR A 57 -16.86 5.05 16.70
CA THR A 57 -16.33 4.07 17.65
C THR A 57 -16.30 4.58 19.08
N ASN A 58 -16.91 5.75 19.35
N ASN A 58 -16.91 5.74 19.35
CA ASN A 58 -16.94 6.33 20.68
CA ASN A 58 -16.93 6.27 20.71
C ASN A 58 -15.52 6.56 21.21
C ASN A 58 -15.51 6.58 21.20
N ASN A 59 -14.62 6.96 20.30
CA ASN A 59 -13.22 7.30 20.57
C ASN A 59 -12.33 6.08 20.81
N ALA A 60 -12.85 4.85 20.69
CA ALA A 60 -11.99 3.69 20.88
C ALA A 60 -10.91 3.61 19.81
N MET A 61 -11.21 4.03 18.58
CA MET A 61 -10.19 4.06 17.54
C MET A 61 -9.03 4.96 17.93
N GLN A 62 -9.31 6.13 18.49
CA GLN A 62 -8.25 7.03 18.91
C GLN A 62 -7.43 6.45 20.05
N VAL A 63 -8.09 5.83 21.04
CA VAL A 63 -7.35 5.24 22.16
C VAL A 63 -6.39 4.17 21.67
N GLU A 64 -6.88 3.29 20.79
CA GLU A 64 -6.03 2.25 20.21
C GLU A 64 -4.89 2.86 19.41
N SER A 65 -5.20 3.90 18.63
CA SER A 65 -4.21 4.55 17.78
C SER A 65 -3.11 5.19 18.61
N ASP A 66 -3.46 5.80 19.74
CA ASP A 66 -2.46 6.45 20.58
C ASP A 66 -1.48 5.41 21.13
N ASP A 67 -1.98 4.25 21.52
CA ASP A 67 -1.07 3.18 21.94
C ASP A 67 -0.19 2.72 20.78
N TYR A 68 -0.76 2.59 19.59
CA TYR A 68 0.04 2.19 18.42
C TYR A 68 1.20 3.17 18.20
N ILE A 69 0.92 4.47 18.21
CA ILE A 69 1.96 5.46 17.96
C ILE A 69 2.99 5.46 19.09
N ALA A 70 2.53 5.34 20.33
CA ALA A 70 3.48 5.32 21.44
C ALA A 70 4.48 4.18 21.31
N THR A 71 4.04 3.05 20.74
CA THR A 71 4.93 1.90 20.58
C THR A 71 5.77 1.99 19.31
N ASN A 72 5.17 2.43 18.20
CA ASN A 72 5.78 2.26 16.89
C ASN A 72 6.22 3.55 16.22
N GLY A 73 5.82 4.71 16.72
CA GLY A 73 6.09 5.95 16.05
C GLY A 73 5.17 6.17 14.86
N PRO A 74 5.32 7.32 14.21
CA PRO A 74 4.42 7.68 13.12
C PRO A 74 4.55 6.78 11.90
N LEU A 75 3.46 6.73 11.13
CA LEU A 75 3.49 6.11 9.82
C LEU A 75 4.28 6.99 8.85
N LYS A 76 4.54 6.43 7.66
CA LYS A 76 5.06 7.17 6.52
C LYS A 76 3.89 7.68 5.68
N VAL A 77 4.07 8.85 5.05
CA VAL A 77 3.16 9.24 3.99
C VAL A 77 3.26 8.20 2.87
N GLY A 78 2.12 7.68 2.44
CA GLY A 78 2.07 6.55 1.54
C GLY A 78 1.95 5.21 2.22
N GLY A 79 2.11 5.16 3.55
CA GLY A 79 2.09 3.93 4.30
C GLY A 79 0.75 3.64 4.96
N SER A 80 0.74 2.56 5.74
CA SER A 80 -0.49 2.10 6.38
C SER A 80 -0.18 1.23 7.59
N CYS A 81 -1.21 1.01 8.40
CA CYS A 81 -1.17 -0.03 9.41
C CYS A 81 -2.57 -0.63 9.55
N VAL A 82 -2.63 -1.88 9.99
CA VAL A 82 -3.88 -2.56 10.26
C VAL A 82 -4.16 -2.52 11.76
N LEU A 83 -5.31 -1.97 12.14
CA LEU A 83 -5.77 -1.94 13.52
C LEU A 83 -7.18 -2.51 13.56
N SER A 84 -7.80 -2.49 14.75
CA SER A 84 -9.16 -2.99 14.87
C SER A 84 -10.15 -2.12 14.09
N GLY A 85 -11.21 -2.76 13.60
CA GLY A 85 -12.34 -2.04 13.07
C GLY A 85 -13.41 -1.74 14.09
N HIS A 86 -13.20 -2.15 15.35
CA HIS A 86 -14.11 -1.83 16.44
C HIS A 86 -15.51 -2.29 16.07
N ASN A 87 -16.53 -1.43 16.20
N ASN A 87 -16.53 -1.46 16.26
CA ASN A 87 -17.91 -1.73 15.87
CA ASN A 87 -17.91 -1.83 16.00
C ASN A 87 -18.24 -1.48 14.40
C ASN A 87 -18.28 -1.71 14.53
N LEU A 88 -17.27 -1.11 13.58
N LEU A 88 -17.36 -1.25 13.68
CA LEU A 88 -17.52 -0.76 12.19
CA LEU A 88 -17.69 -0.92 12.29
C LEU A 88 -17.14 -1.85 11.20
C LEU A 88 -17.26 -1.97 11.28
N ALA A 89 -16.19 -2.70 11.56
CA ALA A 89 -15.60 -3.65 10.61
C ALA A 89 -14.70 -4.55 11.42
N LYS A 90 -14.24 -5.65 10.80
N LYS A 90 -14.27 -5.66 10.83
CA LYS A 90 -13.29 -6.51 11.49
CA LYS A 90 -13.28 -6.50 11.50
C LYS A 90 -11.96 -5.79 11.70
C LYS A 90 -12.00 -5.71 11.73
N HIS A 91 -11.46 -5.12 10.66
CA HIS A 91 -10.21 -4.39 10.69
C HIS A 91 -10.42 -3.00 10.12
N CYS A 92 -9.58 -2.07 10.56
CA CYS A 92 -9.43 -0.78 9.91
C CYS A 92 -8.02 -0.68 9.35
N LEU A 93 -7.92 -0.48 8.04
CA LEU A 93 -6.65 -0.20 7.39
C LEU A 93 -6.47 1.32 7.36
N HIS A 94 -5.58 1.83 8.21
CA HIS A 94 -5.28 3.26 8.25
C HIS A 94 -4.25 3.55 7.17
N VAL A 95 -4.64 4.31 6.14
CA VAL A 95 -3.78 4.59 4.99
C VAL A 95 -3.53 6.09 4.95
N VAL A 96 -2.26 6.48 4.80
N VAL A 96 -2.27 6.48 4.79
CA VAL A 96 -1.90 7.89 4.73
CA VAL A 96 -1.88 7.89 4.73
C VAL A 96 -1.68 8.26 3.28
C VAL A 96 -1.64 8.28 3.28
N GLY A 97 -2.61 9.02 2.71
N GLY A 97 -2.62 8.97 2.67
CA GLY A 97 -2.40 9.65 1.42
CA GLY A 97 -2.37 9.63 1.41
C GLY A 97 -1.75 11.00 1.61
C GLY A 97 -1.70 10.96 1.66
N PRO A 98 -1.08 11.50 0.56
N PRO A 98 -1.01 11.50 0.65
CA PRO A 98 -0.45 12.82 0.68
CA PRO A 98 -0.42 12.83 0.82
C PRO A 98 -1.50 13.91 0.87
C PRO A 98 -1.49 13.90 0.98
N ASN A 99 -1.19 14.85 1.78
N ASN A 99 -1.21 14.86 1.87
CA ASN A 99 -2.05 16.00 2.03
CA ASN A 99 -2.09 16.00 2.13
C ASN A 99 -1.49 17.16 1.22
C ASN A 99 -1.48 17.21 1.43
N VAL A 100 -2.27 17.63 0.24
N VAL A 100 -2.08 17.58 0.30
CA VAL A 100 -1.84 18.75 -0.59
CA VAL A 100 -1.61 18.74 -0.48
C VAL A 100 -1.77 20.04 0.22
C VAL A 100 -1.72 20.02 0.32
N ASN A 101 -2.66 20.20 1.20
N ASN A 101 -2.70 20.13 1.21
CA ASN A 101 -2.61 21.34 2.10
CA ASN A 101 -2.82 21.33 2.03
C ASN A 101 -1.40 21.29 3.04
C ASN A 101 -1.73 21.44 3.07
N LYS A 102 -0.58 20.26 2.96
N LYS A 102 -0.99 20.35 3.33
CA LYS A 102 0.70 20.19 3.65
CA LYS A 102 0.22 20.36 4.13
C LYS A 102 1.88 20.21 2.69
C LYS A 102 1.49 20.48 3.30
N GLY A 103 1.63 20.24 1.38
N GLY A 103 1.37 20.52 1.97
CA GLY A 103 2.70 20.28 0.41
CA GLY A 103 2.53 20.58 1.11
C GLY A 103 3.35 18.95 0.10
C GLY A 103 3.17 19.26 0.79
N GLU A 104 2.66 17.85 0.37
N GLU A 104 2.42 18.15 0.87
CA GLU A 104 3.26 16.53 0.17
CA GLU A 104 2.98 16.82 0.65
C GLU A 104 3.10 16.06 -1.27
C GLU A 104 2.86 16.39 -0.82
N ASP A 105 4.08 15.29 -1.73
N ASP A 105 3.75 15.47 -1.21
CA ASP A 105 4.16 14.88 -3.13
CA ASP A 105 3.98 15.11 -2.60
C ASP A 105 2.91 14.08 -3.49
C ASP A 105 2.86 14.21 -3.12
N ILE A 106 2.18 14.55 -4.51
N ILE A 106 2.09 14.70 -4.09
CA ILE A 106 1.01 13.83 -4.97
CA ILE A 106 0.96 13.96 -4.62
C ILE A 106 1.39 12.48 -5.55
C ILE A 106 1.40 12.67 -5.32
N GLN A 107 2.64 12.32 -6.00
N GLN A 107 2.66 12.57 -5.73
CA GLN A 107 3.10 11.02 -6.46
CA GLN A 107 3.15 11.33 -6.34
C GLN A 107 3.06 9.97 -5.36
C GLN A 107 3.03 10.14 -5.40
N LEU A 108 2.99 10.38 -4.08
CA LEU A 108 2.85 9.34 -3.06
C LEU A 108 1.46 8.73 -3.05
N LEU A 109 0.52 9.27 -3.82
CA LEU A 109 -0.84 8.73 -3.82
C LEU A 109 -0.86 7.30 -4.35
N LYS A 110 -0.07 7.01 -5.38
CA LYS A 110 -0.04 5.63 -5.88
C LYS A 110 0.45 4.66 -4.80
N SER A 111 1.51 5.03 -4.09
CA SER A 111 2.00 4.19 -3.00
C SER A 111 0.92 3.98 -1.95
N ALA A 112 0.15 5.02 -1.63
CA ALA A 112 -0.92 4.89 -0.66
C ALA A 112 -1.93 3.84 -1.12
N TYR A 113 -2.38 3.93 -2.37
CA TYR A 113 -3.35 2.96 -2.88
C TYR A 113 -2.79 1.54 -2.95
N GLU A 114 -1.48 1.38 -3.14
CA GLU A 114 -0.91 0.03 -3.20
C GLU A 114 -1.19 -0.76 -1.92
N ASN A 115 -1.35 -0.07 -0.79
CA ASN A 115 -1.67 -0.78 0.44
C ASN A 115 -2.96 -1.58 0.31
N PHE A 116 -3.90 -1.11 -0.53
CA PHE A 116 -5.17 -1.80 -0.68
C PHE A 116 -4.98 -3.22 -1.24
N ASN A 117 -3.90 -3.45 -2.00
CA ASN A 117 -3.70 -4.73 -2.67
C ASN A 117 -3.40 -5.86 -1.70
N GLN A 118 -3.13 -5.55 -0.43
CA GLN A 118 -2.92 -6.57 0.59
C GLN A 118 -4.21 -7.12 1.17
N HIS A 119 -5.37 -6.69 0.66
CA HIS A 119 -6.67 -7.08 1.19
C HIS A 119 -7.60 -7.39 0.04
N GLU A 120 -8.29 -8.54 0.12
CA GLU A 120 -9.09 -8.99 -1.02
C GLU A 120 -10.29 -8.09 -1.31
N VAL A 121 -10.90 -7.52 -0.26
CA VAL A 121 -12.09 -6.67 -0.38
C VAL A 121 -11.99 -5.56 0.64
N LEU A 122 -12.30 -4.33 0.23
CA LEU A 122 -12.24 -3.17 1.13
C LEU A 122 -13.37 -2.21 0.85
N LEU A 123 -13.88 -1.59 1.92
CA LEU A 123 -14.71 -0.39 1.86
C LEU A 123 -13.81 0.80 2.12
N ALA A 124 -13.81 1.80 1.25
CA ALA A 124 -12.77 2.81 1.31
C ALA A 124 -13.28 4.18 0.86
N PRO A 125 -12.67 5.25 1.34
N PRO A 125 -12.64 5.26 1.32
CA PRO A 125 -12.86 6.57 0.73
CA PRO A 125 -12.88 6.61 0.81
C PRO A 125 -11.82 6.77 -0.36
C PRO A 125 -11.91 6.93 -0.31
N LEU A 126 -12.06 7.80 -1.17
N LEU A 126 -12.12 8.10 -0.93
CA LEU A 126 -11.05 8.24 -2.11
CA LEU A 126 -11.29 8.59 -2.03
C LEU A 126 -9.90 8.89 -1.34
C LEU A 126 -10.06 9.30 -1.46
N LEU A 127 -8.68 8.40 -1.58
N LEU A 127 -8.92 8.61 -1.43
CA LEU A 127 -7.52 8.88 -0.84
CA LEU A 127 -7.75 9.13 -0.73
C LEU A 127 -7.12 10.27 -1.32
C LEU A 127 -7.27 10.45 -1.31
N SER A 128 -6.72 11.10 -0.36
N SER A 128 -6.80 11.32 -0.41
CA SER A 128 -6.27 12.47 -0.58
CA SER A 128 -6.14 12.58 -0.70
C SER A 128 -7.38 13.39 -1.07
C SER A 128 -7.07 13.65 -1.27
N ALA A 129 -8.63 12.92 -1.15
N ALA A 129 -8.36 13.35 -1.47
CA ALA A 129 -9.74 13.77 -1.54
CA ALA A 129 -9.31 14.32 -2.00
C ALA A 129 -10.22 14.58 -0.33
C ALA A 129 -9.84 15.21 -0.88
N GLY A 130 -11.27 15.38 -0.55
N GLY A 130 -10.83 16.04 -1.19
CA GLY A 130 -11.86 16.12 0.54
CA GLY A 130 -11.50 16.81 -0.15
C GLY A 130 -10.86 17.09 1.15
C GLY A 130 -10.49 17.67 0.61
N ILE A 131 -10.77 17.08 2.48
N ILE A 131 -10.59 17.64 1.94
CA ILE A 131 -9.90 18.02 3.20
CA ILE A 131 -9.72 18.43 2.80
C ILE A 131 -8.42 17.76 2.96
C ILE A 131 -8.24 18.05 2.70
N PHE A 132 -8.06 16.61 2.38
N PHE A 132 -7.88 16.93 2.06
CA PHE A 132 -6.67 16.38 2.04
CA PHE A 132 -6.48 16.65 1.80
C PHE A 132 -6.22 17.18 0.83
C PHE A 132 -5.95 17.39 0.58
N GLY A 133 -7.17 17.73 0.04
N GLY A 133 -6.82 18.04 -0.21
CA GLY A 133 -6.86 18.77 -0.91
CA GLY A 133 -6.37 19.05 -1.14
C GLY A 133 -6.57 18.34 -2.33
C GLY A 133 -6.05 18.59 -2.54
N ALA A 134 -6.55 17.04 -2.63
N ALA A 134 -6.10 17.29 -2.85
CA ALA A 134 -6.26 16.60 -3.99
CA ALA A 134 -5.76 16.82 -4.19
C ALA A 134 -7.53 16.56 -4.84
C ALA A 134 -6.98 16.83 -5.11
N ASP A 135 -7.34 16.51 -6.14
N ASP A 135 -6.70 16.72 -6.41
CA ASP A 135 -8.44 16.40 -7.09
CA ASP A 135 -7.74 16.65 -7.42
C ASP A 135 -9.04 15.01 -6.99
C ASP A 135 -8.48 15.33 -7.30
N PRO A 136 -10.31 14.87 -6.60
N PRO A 136 -9.78 15.32 -7.03
CA PRO A 136 -10.89 13.51 -6.49
CA PRO A 136 -10.48 14.04 -6.85
C PRO A 136 -10.97 12.78 -7.81
C PRO A 136 -10.58 13.21 -8.11
N ILE A 137 -11.04 13.47 -8.95
N ILE A 137 -10.68 13.83 -9.30
CA ILE A 137 -11.02 12.79 -10.23
CA ILE A 137 -10.69 13.07 -10.54
C ILE A 137 -9.69 12.10 -10.45
C ILE A 137 -9.38 12.29 -10.67
N HIS A 138 -8.60 12.77 -10.09
N HIS A 138 -8.27 12.95 -10.35
CA HIS A 138 -7.28 12.15 -10.16
CA HIS A 138 -6.96 12.29 -10.35
C HIS A 138 -7.15 11.00 -9.16
C HIS A 138 -6.91 11.14 -9.36
N SER A 139 -7.70 11.18 -7.95
N SER A 139 -7.42 11.36 -8.14
CA SER A 139 -7.65 10.12 -6.95
CA SER A 139 -7.36 10.28 -7.16
C SER A 139 -8.37 8.87 -7.43
C SER A 139 -8.13 9.05 -7.63
N LEU A 140 -9.51 9.02 -8.08
N LEU A 140 -9.31 9.26 -8.23
CA LEU A 140 -10.22 7.86 -8.61
CA LEU A 140 -10.09 8.12 -8.71
C LEU A 140 -9.44 7.20 -9.75
C LEU A 140 -9.35 7.38 -9.81
N ARG A 141 -8.79 8.02 -10.59
N ARG A 141 -8.68 8.13 -10.70
CA ARG A 141 -7.99 7.46 -11.68
CA ARG A 141 -7.87 7.51 -11.76
C ARG A 141 -6.82 6.64 -11.14
C ARG A 141 -6.76 6.66 -11.16
N VAL A 142 -6.07 7.21 -10.20
N VAL A 142 -6.04 7.22 -10.18
CA VAL A 142 -4.97 6.46 -9.58
CA VAL A 142 -4.95 6.45 -9.55
C VAL A 142 -5.50 5.21 -8.89
C VAL A 142 -5.50 5.21 -8.88
N CYS A 143 -6.65 5.33 -8.21
CA CYS A 143 -7.25 4.16 -7.58
C CYS A 143 -7.50 3.05 -8.60
N VAL A 144 -8.20 3.36 -9.68
CA VAL A 144 -8.56 2.36 -10.68
C VAL A 144 -7.32 1.76 -11.32
N ASP A 145 -6.27 2.56 -11.50
N ASP A 145 -6.27 2.56 -11.49
CA ASP A 145 -5.06 2.09 -12.17
CA ASP A 145 -5.04 2.13 -12.16
C ASP A 145 -4.10 1.36 -11.23
C ASP A 145 -4.03 1.50 -11.20
N THR A 146 -4.33 1.42 -9.91
CA THR A 146 -3.40 0.85 -8.94
C THR A 146 -3.98 -0.32 -8.16
N VAL A 147 -5.21 -0.21 -7.71
CA VAL A 147 -5.81 -1.25 -6.90
C VAL A 147 -6.29 -2.37 -7.80
N ARG A 148 -5.90 -3.60 -7.47
CA ARG A 148 -6.30 -4.80 -8.19
C ARG A 148 -7.29 -5.65 -7.43
N THR A 149 -7.41 -5.44 -6.12
CA THR A 149 -8.38 -6.14 -5.30
C THR A 149 -9.73 -5.40 -5.36
N ASN A 150 -10.74 -5.94 -4.71
CA ASN A 150 -12.11 -5.44 -4.88
C ASN A 150 -12.36 -4.29 -3.92
N VAL A 151 -12.54 -3.10 -4.46
CA VAL A 151 -12.69 -1.90 -3.65
C VAL A 151 -14.06 -1.27 -3.90
N TYR A 152 -14.75 -0.97 -2.79
CA TYR A 152 -16.04 -0.31 -2.75
C TYR A 152 -15.82 1.08 -2.19
N LEU A 153 -15.88 2.07 -3.06
CA LEU A 153 -15.60 3.46 -2.71
C LEU A 153 -16.89 4.15 -2.28
N ALA A 154 -16.87 4.69 -1.06
N ALA A 154 -16.84 4.78 -1.11
CA ALA A 154 -17.93 5.54 -0.54
CA ALA A 154 -17.95 5.57 -0.57
C ALA A 154 -17.52 6.98 -0.76
C ALA A 154 -17.54 7.04 -0.62
N VAL A 155 -18.33 7.72 -1.51
N VAL A 155 -18.25 7.82 -1.44
CA VAL A 155 -18.16 9.15 -1.73
CA VAL A 155 -18.01 9.24 -1.62
C VAL A 155 -19.29 9.84 -0.99
C VAL A 155 -19.11 9.99 -0.88
N PHE A 156 -18.94 10.64 0.01
N PHE A 156 -18.70 10.85 0.06
CA PHE A 156 -19.98 11.25 0.86
CA PHE A 156 -19.67 11.56 0.89
C PHE A 156 -20.83 12.24 0.07
C PHE A 156 -20.37 12.68 0.12
N ASP A 157 -20.21 12.98 -0.83
N ASP A 157 -19.60 13.54 -0.52
CA ASP A 157 -20.90 14.05 -1.55
CA ASP A 157 -20.16 14.73 -1.13
C ASP A 157 -21.60 13.50 -2.78
C ASP A 157 -20.97 14.35 -2.38
N LYS A 158 -22.91 13.77 -2.88
N LYS A 158 -22.26 14.70 -2.39
CA LYS A 158 -23.67 13.35 -4.05
CA LYS A 158 -23.14 14.35 -3.52
C LYS A 158 -23.25 14.13 -5.30
C LYS A 158 -22.69 15.00 -4.82
N ASN A 159 -23.03 15.44 -5.16
N ASN A 159 -22.43 16.30 -4.80
CA ASN A 159 -22.59 16.23 -6.30
CA ASN A 159 -21.98 16.98 -6.02
C ASN A 159 -21.20 15.79 -6.77
C ASN A 159 -20.69 16.37 -6.54
N LEU A 160 -20.33 15.42 -5.84
N LEU A 160 -19.78 16.01 -5.63
CA LEU A 160 -19.03 14.90 -6.24
CA LEU A 160 -18.53 15.38 -6.05
C LEU A 160 -19.14 13.50 -6.83
C LEU A 160 -18.80 14.03 -6.69
N TYR A 161 -20.07 12.68 -6.31
N TYR A 161 -19.62 13.19 -6.07
CA TYR A 161 -20.26 11.34 -6.85
CA TYR A 161 -19.95 11.90 -6.65
C TYR A 161 -20.71 11.40 -8.31
C TYR A 161 -20.44 12.06 -8.09
N ASP A 162 -21.69 12.25 -8.61
N ASP A 162 -21.40 12.96 -8.29
CA ASP A 162 -22.19 12.35 -9.98
CA ASP A 162 -21.96 13.18 -9.62
C ASP A 162 -21.12 12.84 -10.93
C ASP A 162 -20.87 13.61 -10.60
N LYS A 163 -20.27 13.76 -10.47
N LYS A 163 -19.97 14.49 -10.16
CA LYS A 163 -19.16 14.21 -11.30
CA LYS A 163 -18.88 14.96 -11.00
C LYS A 163 -18.14 13.11 -11.52
C LYS A 163 -17.91 13.84 -11.35
N LEU A 164 -17.79 12.38 -10.46
N LEU A 164 -17.58 13.00 -10.37
CA LEU A 164 -16.85 11.28 -10.59
CA LEU A 164 -16.67 11.88 -10.59
C LEU A 164 -17.36 10.24 -11.58
C LEU A 164 -17.24 10.89 -11.61
N VAL A 165 -18.63 9.90 -11.50
N VAL A 165 -18.51 10.53 -11.45
CA VAL A 165 -19.20 8.93 -12.41
CA VAL A 165 -19.12 9.59 -12.37
C VAL A 165 -19.25 9.48 -13.83
C VAL A 165 -19.16 10.19 -13.77
N SER A 166 -19.72 10.71 -13.99
N SER A 166 -19.60 11.44 -13.88
CA SER A 166 -19.93 11.28 -15.32
CA SER A 166 -19.82 12.04 -15.19
C SER A 166 -18.63 11.55 -16.05
C SER A 166 -18.52 12.27 -15.95
N SER A 167 -17.51 11.71 -15.34
N SER A 167 -17.38 12.33 -15.27
CA SER A 167 -16.24 12.01 -15.98
CA SER A 167 -16.09 12.55 -15.90
C SER A 167 -15.29 10.82 -15.99
C SER A 167 -15.24 11.30 -16.00
N PHE A 168 -15.75 9.63 -15.60
N PHE A 168 -15.72 10.15 -15.53
CA PHE A 168 -14.89 8.46 -15.57
CA PHE A 168 -14.88 8.96 -15.47
C PHE A 168 -14.66 7.93 -16.98
C PHE A 168 -14.63 8.40 -16.87
N LEU A 169 -13.39 7.71 -17.33
N LEU A 169 -13.38 8.02 -17.13
CA LEU A 169 -13.04 7.15 -18.64
CA LEU A 169 -13.01 7.45 -18.42
C LEU A 169 -12.88 5.64 -18.55
C LEU A 169 -12.94 5.93 -18.34
N SER B 1 30.09 9.37 8.03
N SER B 1 29.98 9.56 8.08
CA SER B 1 30.02 7.93 7.72
CA SER B 1 29.96 8.11 7.78
C SER B 1 29.39 7.71 6.35
C SER B 1 29.22 7.86 6.47
N MET B 2 29.64 6.55 5.78
N MET B 2 29.46 6.68 5.91
CA MET B 2 29.15 6.20 4.45
CA MET B 2 28.96 6.30 4.61
C MET B 2 28.06 5.13 4.59
C MET B 2 27.89 5.22 4.74
N VAL B 3 26.84 5.50 4.19
N VAL B 3 26.67 5.55 4.32
CA VAL B 3 25.73 4.56 4.08
CA VAL B 3 25.61 4.56 4.15
C VAL B 3 25.14 4.69 2.68
C VAL B 3 25.06 4.71 2.73
N ASN B 4 24.50 3.62 2.22
CA ASN B 4 23.91 3.61 0.88
C ASN B 4 24.91 4.03 -0.19
N SER B 5 26.15 3.53 -0.08
N SER B 5 26.15 3.53 -0.08
CA SER B 5 27.21 3.85 -1.02
CA SER B 5 27.21 3.86 -1.03
C SER B 5 27.30 2.72 -2.05
C SER B 5 27.30 2.73 -2.04
N PHE B 6 26.35 2.73 -2.98
CA PHE B 6 26.32 1.72 -4.03
C PHE B 6 27.31 2.09 -5.13
N SER B 7 28.08 1.11 -5.59
CA SER B 7 29.06 1.34 -6.65
C SER B 7 29.11 0.14 -7.60
N GLY B 8 29.37 0.43 -8.87
N GLY B 8 29.38 0.43 -8.87
CA GLY B 8 29.51 -0.61 -9.87
CA GLY B 8 29.50 -0.62 -9.87
C GLY B 8 28.20 -1.11 -10.44
C GLY B 8 28.20 -1.12 -10.44
N TYR B 9 27.11 -0.39 -10.25
CA TYR B 9 25.82 -0.82 -10.76
C TYR B 9 25.57 -0.29 -12.17
N LEU B 10 24.86 -1.11 -12.95
CA LEU B 10 24.43 -0.75 -14.29
C LEU B 10 23.01 -0.22 -14.21
N LYS B 11 22.76 0.90 -14.87
N LYS B 11 22.77 0.92 -14.82
CA LYS B 11 21.47 1.56 -14.86
CA LYS B 11 21.46 1.55 -14.82
C LYS B 11 20.55 0.91 -15.88
C LYS B 11 20.58 0.87 -15.86
N LEU B 12 19.42 0.34 -15.43
CA LEU B 12 18.42 -0.21 -16.32
C LEU B 12 17.31 0.78 -16.63
N THR B 13 16.76 1.40 -15.59
CA THR B 13 15.80 2.50 -15.72
C THR B 13 16.24 3.61 -14.77
N ASP B 14 15.45 4.68 -14.73
CA ASP B 14 15.79 5.81 -13.86
C ASP B 14 15.87 5.43 -12.38
N ASN B 15 15.25 4.32 -11.97
CA ASN B 15 15.24 3.94 -10.57
C ASN B 15 15.67 2.49 -10.31
N VAL B 16 16.02 1.72 -11.33
CA VAL B 16 16.38 0.32 -11.16
C VAL B 16 17.80 0.12 -11.67
N TYR B 17 18.66 -0.43 -10.81
CA TYR B 17 20.07 -0.65 -11.07
C TYR B 17 20.40 -2.10 -10.79
N ILE B 18 21.44 -2.64 -11.42
CA ILE B 18 21.76 -4.06 -11.29
C ILE B 18 23.28 -4.26 -11.27
N LYS B 19 23.71 -5.26 -10.50
CA LYS B 19 25.13 -5.58 -10.37
C LYS B 19 25.28 -7.08 -10.21
N ASN B 20 26.36 -7.62 -10.77
CA ASN B 20 26.74 -9.02 -10.54
C ASN B 20 27.51 -9.06 -9.22
N ALA B 21 26.85 -9.52 -8.16
CA ALA B 21 27.46 -9.48 -6.84
C ALA B 21 26.72 -10.40 -5.88
N ASP B 22 27.45 -10.76 -4.83
CA ASP B 22 26.94 -11.50 -3.66
C ASP B 22 26.27 -10.50 -2.74
N ILE B 23 24.97 -10.65 -2.51
CA ILE B 23 24.20 -9.63 -1.78
C ILE B 23 24.69 -9.46 -0.35
N VAL B 24 25.23 -10.52 0.27
CA VAL B 24 25.81 -10.38 1.61
C VAL B 24 27.04 -9.50 1.57
N GLU B 25 27.97 -9.78 0.64
CA GLU B 25 29.16 -8.96 0.52
C GLU B 25 28.79 -7.53 0.15
N GLU B 26 27.79 -7.37 -0.71
N GLU B 26 27.80 -7.37 -0.72
CA GLU B 26 27.33 -6.03 -1.08
CA GLU B 26 27.33 -6.03 -1.08
C GLU B 26 26.77 -5.28 0.12
C GLU B 26 26.81 -5.30 0.15
N ALA B 27 25.97 -5.96 0.94
CA ALA B 27 25.41 -5.30 2.12
C ALA B 27 26.50 -4.83 3.06
N LYS B 28 27.52 -5.66 3.27
CA LYS B 28 28.60 -5.26 4.17
C LYS B 28 29.40 -4.09 3.62
N LYS B 29 29.50 -3.97 2.30
N LYS B 29 29.52 -3.98 2.30
CA LYS B 29 30.27 -2.89 1.70
CA LYS B 29 30.26 -2.88 1.70
C LYS B 29 29.45 -1.62 1.56
C LYS B 29 29.43 -1.60 1.65
N VAL B 30 28.21 -1.74 1.06
N VAL B 30 28.16 -1.72 1.26
CA VAL B 30 27.38 -0.58 0.78
CA VAL B 30 27.30 -0.56 0.98
C VAL B 30 26.84 0.05 2.07
C VAL B 30 26.72 0.05 2.25
N LYS B 31 26.57 -0.77 3.08
N LYS B 31 26.52 -0.77 3.27
CA LYS B 31 25.91 -0.35 4.31
CA LYS B 31 25.84 -0.36 4.49
C LYS B 31 24.56 0.29 3.99
C LYS B 31 24.48 0.27 4.16
N PRO B 32 23.60 -0.48 3.48
CA PRO B 32 22.32 0.10 3.08
C PRO B 32 21.40 0.30 4.27
N THR B 33 20.51 1.29 4.13
CA THR B 33 19.43 1.44 5.09
C THR B 33 18.53 0.21 5.10
N VAL B 34 18.28 -0.38 3.92
CA VAL B 34 17.38 -1.52 3.81
C VAL B 34 18.02 -2.57 2.91
N VAL B 35 18.14 -3.80 3.42
CA VAL B 35 18.38 -4.97 2.58
C VAL B 35 17.11 -5.80 2.55
N VAL B 36 16.71 -6.24 1.35
CA VAL B 36 15.54 -7.07 1.19
C VAL B 36 15.92 -8.55 1.32
N ASN B 37 15.14 -9.27 2.11
CA ASN B 37 15.24 -10.71 2.17
C ASN B 37 14.14 -11.35 1.33
N ALA B 38 14.51 -12.41 0.61
CA ALA B 38 13.59 -13.30 -0.12
C ALA B 38 12.99 -14.29 0.88
N ALA B 39 11.99 -13.80 1.63
CA ALA B 39 11.41 -14.48 2.77
C ALA B 39 10.25 -15.39 2.37
N ASN B 40 9.89 -16.26 3.30
CA ASN B 40 8.63 -17.01 3.25
C ASN B 40 7.75 -16.59 4.44
N VAL B 41 6.50 -17.07 4.45
CA VAL B 41 5.50 -16.49 5.36
C VAL B 41 5.83 -16.76 6.83
N TYR B 42 6.57 -17.83 7.13
CA TYR B 42 6.96 -18.11 8.51
C TYR B 42 8.38 -17.65 8.82
N LEU B 43 9.00 -16.89 7.93
CA LEU B 43 10.33 -16.34 8.15
C LEU B 43 11.31 -17.42 8.55
N LYS B 44 11.24 -18.57 7.86
CA LYS B 44 12.17 -19.68 8.06
C LYS B 44 13.26 -19.55 7.00
N HIS B 45 14.44 -19.10 7.43
CA HIS B 45 15.49 -18.66 6.50
C HIS B 45 16.43 -19.82 6.18
N GLY B 46 15.91 -20.77 5.42
CA GLY B 46 16.64 -22.00 5.16
C GLY B 46 17.65 -21.94 4.04
N GLY B 47 17.23 -21.48 2.87
CA GLY B 47 18.02 -21.65 1.67
C GLY B 47 18.12 -20.35 0.88
N GLY B 48 18.88 -20.43 -0.21
CA GLY B 48 18.99 -19.28 -1.10
C GLY B 48 19.41 -18.03 -0.36
N VAL B 49 18.81 -16.91 -0.77
CA VAL B 49 19.14 -15.61 -0.19
C VAL B 49 18.92 -15.60 1.31
N ALA B 50 17.76 -16.10 1.76
CA ALA B 50 17.43 -16.02 3.18
C ALA B 50 18.43 -16.80 4.02
N GLY B 51 18.82 -17.98 3.56
CA GLY B 51 19.81 -18.76 4.28
C GLY B 51 21.14 -18.03 4.37
N ALA B 52 21.56 -17.38 3.29
CA ALA B 52 22.82 -16.65 3.29
C ALA B 52 22.76 -15.44 4.22
N LEU B 53 21.68 -14.65 4.16
CA LEU B 53 21.56 -13.50 5.04
C LEU B 53 21.57 -13.95 6.50
N ASN B 54 20.78 -14.98 6.83
CA ASN B 54 20.72 -15.42 8.21
C ASN B 54 22.09 -15.92 8.68
N LYS B 55 22.77 -16.70 7.84
CA LYS B 55 24.11 -17.19 8.21
C LYS B 55 25.05 -16.02 8.51
N ALA B 56 24.99 -14.96 7.70
CA ALA B 56 25.87 -13.82 7.94
C ALA B 56 25.61 -13.18 9.29
N THR B 57 24.37 -13.25 9.79
CA THR B 57 24.04 -12.72 11.10
C THR B 57 24.29 -13.71 12.23
N ASN B 58 24.93 -14.84 11.94
CA ASN B 58 25.18 -15.87 12.94
C ASN B 58 23.89 -16.31 13.63
N ASN B 59 22.82 -16.43 12.84
CA ASN B 59 21.50 -16.92 13.25
C ASN B 59 20.69 -15.90 14.05
N ALA B 60 21.21 -14.69 14.28
CA ALA B 60 20.44 -13.69 15.01
C ALA B 60 19.15 -13.33 14.28
N MET B 61 19.20 -13.31 12.94
CA MET B 61 18.00 -13.03 12.17
C MET B 61 16.92 -14.08 12.41
N GLN B 62 17.30 -15.35 12.46
CA GLN B 62 16.32 -16.41 12.68
C GLN B 62 15.70 -16.31 14.07
N VAL B 63 16.51 -16.04 15.10
CA VAL B 63 15.96 -15.92 16.46
C VAL B 63 14.97 -14.77 16.51
N GLU B 64 15.34 -13.63 15.95
CA GLU B 64 14.45 -12.47 15.93
C GLU B 64 13.19 -12.78 15.15
N SER B 65 13.34 -13.49 14.03
CA SER B 65 12.20 -13.83 13.18
C SER B 65 11.22 -14.75 13.91
N ASP B 66 11.73 -15.77 14.61
CA ASP B 66 10.85 -16.69 15.32
C ASP B 66 10.06 -15.96 16.40
N ASP B 67 10.69 -15.00 17.07
CA ASP B 67 9.96 -14.21 18.06
C ASP B 67 8.89 -13.34 17.40
N TYR B 68 9.20 -12.75 16.24
CA TYR B 68 8.21 -11.98 15.51
C TYR B 68 7.00 -12.84 15.16
N ILE B 69 7.23 -14.06 14.67
CA ILE B 69 6.14 -14.96 14.29
C ILE B 69 5.31 -15.35 15.51
N ALA B 70 5.97 -15.64 16.63
CA ALA B 70 5.23 -15.96 17.85
C ALA B 70 4.25 -14.85 18.21
N THR B 71 4.68 -13.59 18.06
CA THR B 71 3.85 -12.46 18.45
C THR B 71 2.79 -12.13 17.40
N ASN B 72 3.12 -12.25 16.11
CA ASN B 72 2.31 -11.68 15.04
C ASN B 72 1.71 -12.71 14.09
N GLY B 73 2.15 -13.96 14.13
CA GLY B 73 1.71 -14.92 13.16
C GLY B 73 2.37 -14.74 11.80
N PRO B 74 2.08 -15.63 10.87
CA PRO B 74 2.75 -15.59 9.57
C PRO B 74 2.33 -14.40 8.72
N LEU B 75 3.21 -14.03 7.81
CA LEU B 75 2.91 -13.02 6.80
C LEU B 75 1.98 -13.60 5.75
N LYS B 76 1.49 -12.72 4.88
CA LYS B 76 0.78 -13.10 3.66
C LYS B 76 1.78 -13.18 2.51
N VAL B 77 1.55 -14.11 1.57
CA VAL B 77 2.27 -14.05 0.31
C VAL B 77 1.95 -12.73 -0.37
N GLY B 78 2.99 -12.01 -0.79
CA GLY B 78 2.85 -10.66 -1.28
C GLY B 78 3.07 -9.58 -0.24
N GLY B 79 3.20 -9.96 1.03
CA GLY B 79 3.39 -9.01 2.11
C GLY B 79 4.83 -8.95 2.59
N SER B 80 5.04 -8.16 3.65
CA SER B 80 6.39 -7.92 4.16
C SER B 80 6.33 -7.52 5.63
N CYS B 81 7.50 -7.56 6.27
CA CYS B 81 7.69 -6.91 7.56
C CYS B 81 9.10 -6.36 7.63
N VAL B 82 9.27 -5.32 8.44
CA VAL B 82 10.56 -4.70 8.69
C VAL B 82 11.10 -5.22 10.02
N LEU B 83 12.30 -5.79 9.98
CA LEU B 83 13.02 -6.24 11.17
C LEU B 83 14.43 -5.65 11.14
N SER B 84 15.25 -6.02 12.13
CA SER B 84 16.61 -5.50 12.17
C SER B 84 17.43 -5.98 10.99
N GLY B 85 18.37 -5.14 10.57
CA GLY B 85 19.37 -5.52 9.59
C GLY B 85 20.65 -6.09 10.17
N HIS B 86 20.80 -6.15 11.49
CA HIS B 86 21.94 -6.86 12.11
C HIS B 86 23.25 -6.27 11.60
N ASN B 87 24.19 -7.08 11.13
CA ASN B 87 25.45 -6.62 10.60
C ASN B 87 25.40 -6.33 9.10
N LEU B 88 24.21 -6.30 8.52
CA LEU B 88 24.05 -6.15 7.08
C LEU B 88 23.49 -4.80 6.65
N ALA B 89 22.67 -4.15 7.48
CA ALA B 89 21.88 -3.01 7.07
C ALA B 89 21.24 -2.42 8.32
N LYS B 90 20.67 -1.23 8.20
CA LYS B 90 19.87 -0.72 9.30
C LYS B 90 18.67 -1.65 9.54
N HIS B 91 17.96 -1.96 8.45
CA HIS B 91 16.76 -2.76 8.48
C HIS B 91 16.85 -3.88 7.44
N CYS B 92 16.18 -4.98 7.73
CA CYS B 92 15.89 -6.00 6.74
C CYS B 92 14.39 -5.97 6.45
N LEU B 93 14.04 -5.75 5.18
CA LEU B 93 12.66 -5.85 4.73
C LEU B 93 12.45 -7.27 4.23
N HIS B 94 11.72 -8.06 5.00
CA HIS B 94 11.43 -9.45 4.63
C HIS B 94 10.21 -9.43 3.73
N VAL B 95 10.39 -9.76 2.44
CA VAL B 95 9.31 -9.69 1.46
C VAL B 95 9.02 -11.10 0.96
N VAL B 96 7.74 -11.48 0.94
CA VAL B 96 7.34 -12.82 0.49
C VAL B 96 6.83 -12.72 -0.94
N GLY B 97 7.65 -13.14 -1.90
CA GLY B 97 7.16 -13.35 -3.24
C GLY B 97 6.54 -14.73 -3.36
N PRO B 98 5.72 -14.95 -4.39
CA PRO B 98 5.15 -16.28 -4.60
C PRO B 98 6.24 -17.29 -4.94
N ASN B 99 6.11 -18.48 -4.37
CA ASN B 99 7.01 -19.60 -4.66
C ASN B 99 6.33 -20.51 -5.69
N VAL B 100 6.73 -20.37 -6.95
CA VAL B 100 6.15 -21.16 -8.03
C VAL B 100 6.46 -22.64 -7.87
N ASN B 101 7.62 -22.97 -7.28
N ASN B 101 7.63 -22.96 -7.30
CA ASN B 101 7.93 -24.35 -6.98
CA ASN B 101 7.96 -24.36 -7.02
C ASN B 101 6.97 -24.97 -5.98
C ASN B 101 7.06 -24.97 -5.96
N LYS B 102 6.22 -24.16 -5.25
N LYS B 102 6.30 -24.15 -5.23
CA LYS B 102 5.19 -24.63 -4.33
CA LYS B 102 5.32 -24.63 -4.26
C LYS B 102 3.79 -24.43 -4.85
C LYS B 102 3.89 -24.39 -4.71
N GLY B 103 3.65 -24.07 -6.13
N GLY B 103 3.68 -24.07 -5.99
CA GLY B 103 2.34 -23.86 -6.72
CA GLY B 103 2.34 -23.93 -6.52
C GLY B 103 1.71 -22.52 -6.43
C GLY B 103 1.68 -22.58 -6.29
N GLU B 104 2.43 -21.59 -5.80
CA GLU B 104 1.85 -20.29 -5.50
C GLU B 104 1.71 -19.45 -6.76
N ASP B 105 0.74 -18.55 -6.74
CA ASP B 105 0.34 -17.83 -7.94
C ASP B 105 1.35 -16.74 -8.28
N ILE B 106 1.99 -16.86 -9.44
CA ILE B 106 2.95 -15.87 -9.92
C ILE B 106 2.34 -14.48 -9.99
N GLN B 107 1.01 -14.38 -10.10
N GLN B 107 1.01 -14.40 -10.11
CA GLN B 107 0.35 -13.09 -10.20
CA GLN B 107 0.34 -13.10 -10.19
C GLN B 107 0.60 -12.24 -8.95
C GLN B 107 0.61 -12.23 -8.96
N LEU B 108 0.93 -12.84 -7.82
CA LEU B 108 1.18 -12.10 -6.58
C LEU B 108 2.52 -11.40 -6.54
N LEU B 109 3.33 -11.55 -7.59
CA LEU B 109 4.65 -10.94 -7.62
C LEU B 109 4.57 -9.42 -7.62
N LYS B 110 3.57 -8.85 -8.30
CA LYS B 110 3.44 -7.39 -8.31
C LYS B 110 3.18 -6.87 -6.91
N SER B 111 2.24 -7.48 -6.19
CA SER B 111 2.00 -7.07 -4.80
C SER B 111 3.28 -7.14 -3.97
N ALA B 112 4.06 -8.20 -4.16
CA ALA B 112 5.31 -8.34 -3.41
C ALA B 112 6.24 -7.15 -3.69
N TYR B 113 6.43 -6.81 -4.96
CA TYR B 113 7.29 -5.68 -5.30
C TYR B 113 6.75 -4.35 -4.78
N GLU B 114 5.42 -4.21 -4.64
CA GLU B 114 4.88 -2.94 -4.14
C GLU B 114 5.43 -2.60 -2.75
N ASN B 115 5.83 -3.60 -1.97
CA ASN B 115 6.41 -3.32 -0.66
C ASN B 115 7.66 -2.45 -0.78
N PHE B 116 8.39 -2.58 -1.89
CA PHE B 116 9.62 -1.81 -2.05
C PHE B 116 9.33 -0.31 -2.08
N ASN B 117 8.13 0.09 -2.52
CA ASN B 117 7.83 1.52 -2.68
C ASN B 117 7.71 2.25 -1.35
N GLN B 118 7.71 1.53 -0.23
CA GLN B 118 7.68 2.13 1.09
C GLN B 118 9.07 2.53 1.59
N HIS B 119 10.11 2.36 0.77
CA HIS B 119 11.49 2.66 1.15
C HIS B 119 12.16 3.39 0.01
N GLU B 120 12.83 4.51 0.34
N GLU B 120 12.84 4.50 0.33
CA GLU B 120 13.38 5.35 -0.72
CA GLU B 120 13.36 5.35 -0.74
C GLU B 120 14.51 4.69 -1.49
C GLU B 120 14.50 4.67 -1.50
N VAL B 121 15.29 3.84 -0.84
CA VAL B 121 16.39 3.13 -1.48
C VAL B 121 16.58 1.76 -0.80
N LEU B 122 16.80 0.73 -1.61
CA LEU B 122 16.93 -0.65 -1.13
C LEU B 122 18.00 -1.38 -1.91
N LEU B 123 18.71 -2.28 -1.20
CA LEU B 123 19.50 -3.35 -1.81
C LEU B 123 18.65 -4.61 -1.82
N ALA B 124 18.51 -5.26 -2.97
CA ALA B 124 17.52 -6.33 -3.06
C ALA B 124 17.94 -7.45 -4.01
N PRO B 125 17.41 -8.65 -3.80
CA PRO B 125 17.44 -9.70 -4.81
C PRO B 125 16.19 -9.59 -5.69
N LEU B 126 16.21 -10.33 -6.81
CA LEU B 126 15.02 -10.48 -7.62
C LEU B 126 14.03 -11.39 -6.91
N LEU B 127 12.83 -10.88 -6.65
CA LEU B 127 11.84 -11.64 -5.92
C LEU B 127 11.34 -12.82 -6.75
N SER B 128 11.08 -13.91 -6.05
CA SER B 128 10.55 -15.15 -6.60
C SER B 128 11.54 -15.86 -7.53
N ALA B 129 12.78 -15.37 -7.65
CA ALA B 129 13.78 -16.01 -8.47
C ALA B 129 14.42 -17.19 -7.72
N GLY B 130 15.30 -17.89 -8.43
CA GLY B 130 16.11 -18.90 -7.77
C GLY B 130 15.27 -20.04 -7.25
N ILE B 131 15.45 -20.36 -5.96
CA ILE B 131 14.73 -21.47 -5.35
C ILE B 131 13.24 -21.25 -5.32
N PHE B 132 12.76 -20.02 -5.53
CA PHE B 132 11.32 -19.76 -5.60
C PHE B 132 10.72 -20.08 -6.96
N GLY B 133 11.52 -20.28 -8.01
CA GLY B 133 11.06 -20.94 -9.22
C GLY B 133 10.53 -20.05 -10.34
N ALA B 134 10.40 -18.75 -10.14
CA ALA B 134 9.90 -17.88 -11.20
C ALA B 134 11.00 -17.59 -12.21
N ASP B 135 10.58 -17.19 -13.41
CA ASP B 135 11.51 -16.76 -14.44
C ASP B 135 12.16 -15.45 -13.99
N PRO B 136 13.47 -15.41 -13.79
CA PRO B 136 14.09 -14.15 -13.33
C PRO B 136 13.90 -13.01 -14.32
N ILE B 137 13.78 -13.30 -15.62
CA ILE B 137 13.50 -12.25 -16.60
C ILE B 137 12.14 -11.61 -16.31
N HIS B 138 11.16 -12.43 -15.96
CA HIS B 138 9.86 -11.89 -15.58
C HIS B 138 9.92 -11.14 -14.26
N SER B 139 10.69 -11.64 -13.30
CA SER B 139 10.81 -10.90 -12.05
C SER B 139 11.41 -9.52 -12.28
N LEU B 140 12.41 -9.41 -13.15
CA LEU B 140 12.99 -8.11 -13.45
C LEU B 140 11.95 -7.21 -14.12
N ARG B 141 11.15 -7.78 -15.03
CA ARG B 141 10.07 -7.04 -15.69
C ARG B 141 9.11 -6.45 -14.66
N VAL B 142 8.62 -7.29 -13.75
CA VAL B 142 7.67 -6.80 -12.75
C VAL B 142 8.34 -5.76 -11.85
N CYS B 143 9.59 -5.98 -11.49
CA CYS B 143 10.31 -5.00 -10.68
C CYS B 143 10.30 -3.64 -11.37
N VAL B 144 10.74 -3.59 -12.63
CA VAL B 144 10.82 -2.32 -13.34
C VAL B 144 9.44 -1.67 -13.49
N ASP B 145 8.41 -2.48 -13.67
CA ASP B 145 7.07 -1.96 -13.92
C ASP B 145 6.31 -1.64 -12.64
N THR B 146 6.87 -1.93 -11.47
CA THR B 146 6.17 -1.76 -10.20
C THR B 146 6.90 -0.85 -9.23
N VAL B 147 8.21 -1.02 -9.09
CA VAL B 147 8.99 -0.26 -8.13
C VAL B 147 9.30 1.11 -8.72
N ARG B 148 9.05 2.15 -7.92
CA ARG B 148 9.34 3.52 -8.30
C ARG B 148 10.45 4.13 -7.44
N THR B 149 10.75 3.55 -6.28
CA THR B 149 11.86 3.98 -5.45
C THR B 149 13.15 3.38 -6.00
N ASN B 150 14.28 3.72 -5.40
CA ASN B 150 15.58 3.35 -5.96
C ASN B 150 15.97 1.95 -5.48
N VAL B 151 16.02 1.00 -6.42
CA VAL B 151 16.31 -0.38 -6.10
C VAL B 151 17.60 -0.81 -6.79
N TYR B 152 18.50 -1.35 -5.99
CA TYR B 152 19.81 -1.84 -6.41
C TYR B 152 19.78 -3.36 -6.30
N LEU B 153 19.73 -4.03 -7.45
CA LEU B 153 19.57 -5.48 -7.52
C LEU B 153 20.93 -6.18 -7.56
N ALA B 154 21.11 -7.19 -6.71
CA ALA B 154 22.32 -8.00 -6.69
C ALA B 154 21.99 -9.36 -7.28
N VAL B 155 22.73 -9.74 -8.32
CA VAL B 155 22.56 -11.03 -8.98
C VAL B 155 23.89 -11.77 -8.86
N PHE B 156 23.86 -12.94 -8.19
CA PHE B 156 25.08 -13.64 -7.85
C PHE B 156 25.77 -14.25 -9.06
N ASP B 157 25.03 -14.97 -9.90
CA ASP B 157 25.62 -15.71 -11.01
C ASP B 157 25.84 -14.79 -12.19
N LYS B 158 27.12 -14.62 -12.60
CA LYS B 158 27.46 -13.78 -13.74
C LYS B 158 26.67 -14.18 -14.99
N ASN B 159 26.44 -15.47 -15.21
CA ASN B 159 25.74 -15.91 -16.41
C ASN B 159 24.25 -15.51 -16.38
N LEU B 160 23.64 -15.53 -15.20
CA LEU B 160 22.27 -15.03 -15.09
C LEU B 160 22.24 -13.52 -15.25
N TYR B 161 23.19 -12.84 -14.61
CA TYR B 161 23.31 -11.39 -14.78
C TYR B 161 23.37 -11.03 -16.27
N ASP B 162 24.23 -11.73 -17.03
CA ASP B 162 24.36 -11.43 -18.45
C ASP B 162 23.06 -11.66 -19.19
N LYS B 163 22.34 -12.75 -18.84
N LYS B 163 22.35 -12.76 -18.86
CA LYS B 163 21.07 -13.03 -19.50
CA LYS B 163 21.06 -13.02 -19.49
C LYS B 163 20.04 -11.95 -19.19
C LYS B 163 20.06 -11.91 -19.20
N LEU B 164 20.02 -11.45 -17.95
CA LEU B 164 19.08 -10.41 -17.56
C LEU B 164 19.38 -9.09 -18.26
N VAL B 165 20.65 -8.69 -18.27
CA VAL B 165 21.03 -7.42 -18.86
C VAL B 165 20.87 -7.47 -20.38
N SER B 166 21.37 -8.54 -20.99
CA SER B 166 21.38 -8.60 -22.45
C SER B 166 19.97 -8.68 -23.02
N SER B 167 19.01 -9.24 -22.28
CA SER B 167 17.64 -9.37 -22.77
C SER B 167 16.70 -8.25 -22.32
N PHE B 168 17.15 -7.35 -21.45
CA PHE B 168 16.25 -6.31 -20.96
C PHE B 168 15.90 -5.30 -22.05
N LEU B 169 16.83 -5.04 -22.96
N LEU B 169 16.84 -5.05 -22.96
CA LEU B 169 16.60 -4.10 -24.04
CA LEU B 169 16.66 -4.06 -24.01
C LEU B 169 17.34 -4.51 -25.30
C LEU B 169 17.48 -4.41 -25.25
S DMS C . -15.89 18.18 -2.55
O DMS C . -14.73 17.51 -1.81
C1 DMS C . -15.19 18.87 -4.09
C2 DMS C . -16.17 19.75 -1.67
H11 DMS C . -14.49 19.61 -3.83
H12 DMS C . -15.97 19.28 -4.64
H13 DMS C . -14.72 18.09 -4.62
H21 DMS C . -17.00 20.20 -2.11
H22 DMS C . -15.31 20.34 -1.80
H23 DMS C . -16.34 19.52 -0.67
N2 A1CJX D . -15.64 13.76 5.46
C3 A1CJX D . -15.86 12.79 0.30
C6 A1CJX D . -16.07 12.53 5.10
C9 A1CJX D . -17.08 11.88 5.87
C12 A1CJX D . -12.45 12.36 2.21
C14 A1CJX D . -10.52 13.39 3.35
C17 A1CJX D . -11.58 11.40 1.68
C1 A1CJX D . -13.53 12.97 -0.54
C10 A1CJX D . -17.80 10.64 5.86
C11 A1CJX D . -18.66 10.67 6.93
C13 A1CJX D . -11.89 13.34 3.04
C15 A1CJX D . -9.66 12.42 2.81
C16 A1CJX D . -10.21 11.43 1.98
C2 A1CJX D . -14.42 13.15 0.70
C4 A1CJX D . -13.95 12.32 1.92
C5 A1CJX D . -15.46 11.88 3.88
C7 A1CJX D . -16.19 14.34 6.53
C8 A1CJX D . -17.55 12.64 6.98
N1 A1CJX D . -14.68 12.69 3.14
N3 A1CJX D . -17.13 13.88 7.34
N4 A1CJX D . -18.51 11.88 7.58
O1 A1CJX D . -16.08 11.60 0.06
O2 A1CJX D . -15.70 10.70 3.58
O3 A1CJX D . -16.71 13.70 0.25
H12 A1CJX D . -10.11 14.18 3.98
H15 A1CJX D . -11.98 10.62 1.05
H2 A1CJX D . -12.69 13.65 -0.54
H3 A1CJX D . -14.09 13.15 -1.46
H1 A1CJX D . -13.13 11.96 -0.59
H8 A1CJX D . -17.69 9.84 5.14
H9 A1CJX D . -19.38 9.94 7.27
H11 A1CJX D . -12.53 14.08 3.43
H13 A1CJX D . -8.60 12.44 3.01
H14 A1CJX D . -9.56 10.68 1.55
H4 A1CJX D . -14.41 14.21 0.97
H5 A1CJX D . -14.20 11.28 1.71
H7 A1CJX D . -15.80 15.33 6.76
H6 A1CJX D . -14.53 13.63 3.47
H10 A1CJX D . -19.04 12.11 8.41
O1 A1CJY E . -16.30 13.87 -0.12
C1 A1CJY E . -13.45 14.15 -0.80
C2 A1CJY E . -14.08 12.95 -0.07
C3 A1CJY E . -15.60 12.85 -0.31
C4 A1CJY E . -13.77 12.98 1.44
C5 A1CJY E . -15.17 12.15 3.33
C6 A1CJY E . -16.10 11.04 3.69
C7 A1CJY E . -17.11 9.03 3.10
C8 A1CJY E . -17.66 9.93 5.08
C10 A1CJY E . -16.93 11.87 6.07
C11 A1CJY E . -17.84 11.26 6.89
C12 A1CJY E . -12.32 12.63 1.72
C13 A1CJY E . -11.36 13.62 1.96
C14 A1CJY E . -10.02 13.26 2.20
C15 A1CJY E . -9.63 11.90 2.21
C16 A1CJY E . -10.60 10.91 1.97
C17 A1CJY E . -11.95 11.28 1.72
C9 A1CJY E . -16.81 11.04 4.91
N1 A1CJY E . -14.68 12.05 2.10
N2 A1CJY E . -16.27 10.01 2.81
N3 A1CJY E . -17.85 8.90 4.22
N4 A1CJY E . -18.28 10.08 6.30
O2 A1CJY E . -14.89 13.03 4.13
O3 A1CJY E . -16.04 11.73 -0.66
H1 A1CJY E . -12.37 14.03 -0.90
H3 A1CJY E . -13.61 15.07 -0.25
H2 A1CJY E . -13.87 14.28 -1.79
H4 A1CJY E . -13.63 12.05 -0.49
H5 A1CJY E . -13.97 13.98 1.83
H7 A1CJY E . -17.21 8.25 2.36
H8 A1CJY E . -16.42 12.81 6.24
H9 A1CJY E . -18.21 11.56 7.85
H11 A1CJY E . -11.63 14.66 1.97
H12 A1CJY E . -9.27 14.03 2.39
H13 A1CJY E . -8.61 11.62 2.40
H14 A1CJY E . -10.31 9.86 1.97
H15 A1CJY E . -12.66 10.50 1.54
H6 A1CJY E . -14.99 11.27 1.52
H10 A1CJY E . -18.95 9.47 6.73
#